data_2Z8P
#
_entry.id   2Z8P
#
_cell.length_a   37.310
_cell.length_b   71.420
_cell.length_c   98.960
_cell.angle_alpha   90.00
_cell.angle_beta   90.00
_cell.angle_gamma   90.00
#
_symmetry.space_group_name_H-M   'P 21 21 21'
#
loop_
_entity.id
_entity.type
_entity.pdbx_description
1 polymer '27.5 kDa virulence protein'
2 polymer (GLY)(GLU)(ALA)(TPO)(VAL)(PTR)(ALA)
3 water water
#
loop_
_entity_poly.entity_id
_entity_poly.type
_entity_poly.pdbx_seq_one_letter_code
_entity_poly.pdbx_strand_id
1 'polypeptide(L)'
;MPINRPNLNLNIPPLNIVAAYDGAEIPSTNKHLKNNFNSLHNQMRKMPVSHFKEALDVPDYSGMRQSGFFAMSQGFQLNN
HGYDVFIHARRESPQSQGKFAGDKFHISVLRDMVPQAFQALSGLLFSEDSPVDKWAVTDMEKVVQQARVSLGAQFTLYIK
PDQENSQYSASFLHKTRQFIECLESRLSENGVISGQCPESDVHPENWKYLSYRNELRSGRDGGEMQRQALREEPFYRLMT
E
;
A
2 'polypeptide(L)' GEA(TPO)V(PTR)A B
#
# COMPACT_ATOMS: atom_id res chain seq x y z
N GLU A 25 -11.18 6.93 -24.38
CA GLU A 25 -12.15 5.82 -24.43
C GLU A 25 -12.98 6.10 -23.31
N ILE A 26 -13.75 5.13 -22.85
CA ILE A 26 -14.50 5.68 -21.83
C ILE A 26 -13.44 6.33 -21.00
N PRO A 27 -13.73 7.49 -20.48
CA PRO A 27 -12.64 8.02 -19.72
C PRO A 27 -12.65 7.35 -18.39
N SER A 28 -11.48 7.34 -17.79
CA SER A 28 -11.31 6.70 -16.51
C SER A 28 -10.00 7.15 -15.93
N THR A 29 -9.75 6.73 -14.71
CA THR A 29 -8.51 7.06 -14.02
C THR A 29 -7.31 6.65 -14.86
N ASN A 30 -7.34 5.43 -15.43
CA ASN A 30 -6.19 4.96 -16.19
C ASN A 30 -6.04 5.67 -17.52
N LYS A 31 -7.18 5.96 -18.16
CA LYS A 31 -7.14 6.67 -19.42
C LYS A 31 -6.43 8.01 -19.21
N HIS A 32 -6.73 8.67 -18.10
CA HIS A 32 -6.08 9.94 -17.81
C HIS A 32 -4.57 9.78 -17.62
N LEU A 33 -4.13 8.73 -16.93
CA LEU A 33 -2.69 8.51 -16.74
C LEU A 33 -2.01 8.31 -18.10
N LYS A 34 -2.66 7.54 -18.97
CA LYS A 34 -2.07 7.28 -20.29
C LYS A 34 -1.89 8.57 -21.10
N ASN A 35 -2.89 9.43 -21.08
CA ASN A 35 -2.82 10.67 -21.86
C ASN A 35 -2.03 11.81 -21.25
N ASN A 36 -1.67 11.66 -19.98
CA ASN A 36 -0.85 12.67 -19.28
C ASN A 36 0.37 12.00 -18.69
N PHE A 37 0.73 10.87 -19.29
CA PHE A 37 1.85 10.05 -18.83
C PHE A 37 3.15 10.83 -18.65
N ASN A 38 3.60 11.51 -19.71
CA ASN A 38 4.83 12.29 -19.62
C ASN A 38 4.70 13.56 -18.77
N SER A 39 3.56 14.24 -18.87
CA SER A 39 3.36 15.46 -18.09
C SER A 39 3.47 15.13 -16.60
N LEU A 40 2.80 14.05 -16.20
CA LEU A 40 2.82 13.65 -14.80
C LEU A 40 4.23 13.28 -14.36
N HIS A 41 4.91 12.46 -15.14
CA HIS A 41 6.28 12.05 -14.82
C HIS A 41 7.19 13.27 -14.70
N ASN A 42 7.09 14.19 -15.66
CA ASN A 42 7.96 15.35 -15.59
C ASN A 42 7.67 16.29 -14.41
N GLN A 43 6.39 16.47 -14.10
CA GLN A 43 6.01 17.34 -13.00
C GLN A 43 6.49 16.73 -11.69
N MET A 44 6.32 15.42 -11.56
CA MET A 44 6.73 14.71 -10.36
C MET A 44 8.23 14.83 -10.16
N ARG A 45 9.00 14.65 -11.24
CA ARG A 45 10.45 14.70 -11.09
C ARG A 45 10.99 16.10 -10.74
N LYS A 46 10.14 17.13 -10.71
CA LYS A 46 10.55 18.51 -10.39
C LYS A 46 10.16 18.93 -8.97
N MET A 47 9.27 18.18 -8.35
CA MET A 47 8.79 18.55 -7.01
C MET A 47 9.78 18.31 -5.89
N PRO A 48 9.70 19.14 -4.83
CA PRO A 48 10.59 19.03 -3.67
C PRO A 48 10.23 17.79 -2.84
N VAL A 49 11.16 17.39 -1.99
CA VAL A 49 10.97 16.23 -1.13
C VAL A 49 9.68 16.32 -0.32
N SER A 50 8.97 15.20 -0.20
CA SER A 50 7.75 15.17 0.58
C SER A 50 8.12 15.00 2.04
N HIS A 51 7.29 15.54 2.92
CA HIS A 51 7.54 15.41 4.35
C HIS A 51 6.35 14.80 5.05
N PHE A 52 6.62 13.80 5.85
CA PHE A 52 5.56 13.15 6.61
C PHE A 52 5.90 13.27 8.08
N LYS A 53 5.04 13.98 8.82
CA LYS A 53 5.22 14.11 10.26
C LYS A 53 4.70 12.79 10.81
N GLU A 54 5.61 11.95 11.32
CA GLU A 54 5.17 10.67 11.82
C GLU A 54 4.46 10.72 13.17
N ALA A 55 3.52 9.81 13.34
CA ALA A 55 2.75 9.77 14.57
C ALA A 55 3.48 8.90 15.60
N LEU A 56 3.37 9.29 16.87
CA LEU A 56 3.97 8.55 17.96
C LEU A 56 2.94 7.83 18.81
N ASP A 57 1.77 8.43 18.97
CA ASP A 57 0.72 7.81 19.77
C ASP A 57 -0.03 6.80 18.93
N VAL A 58 0.61 5.66 18.70
CA VAL A 58 0.04 4.61 17.89
C VAL A 58 0.26 3.28 18.60
N PRO A 59 -0.52 2.26 18.24
CA PRO A 59 -0.31 0.98 18.89
C PRO A 59 0.88 0.27 18.29
N ASP A 60 1.37 -0.75 18.97
CA ASP A 60 2.44 -1.57 18.39
C ASP A 60 1.65 -2.72 17.80
N TYR A 61 2.34 -3.73 17.27
CA TYR A 61 1.65 -4.81 16.61
C TYR A 61 0.71 -5.56 17.55
N SER A 62 1.16 -5.77 18.77
CA SER A 62 0.31 -6.45 19.74
C SER A 62 -0.97 -5.63 19.95
N GLY A 63 -0.81 -4.32 20.10
CA GLY A 63 -1.94 -3.44 20.28
C GLY A 63 -2.88 -3.49 19.09
N MET A 64 -2.30 -3.56 17.89
CA MET A 64 -3.10 -3.65 16.67
C MET A 64 -4.01 -4.89 16.69
N ARG A 65 -3.46 -6.02 17.11
CA ARG A 65 -4.23 -7.25 17.14
C ARG A 65 -5.34 -7.21 18.18
N GLN A 66 -5.26 -6.25 19.11
CA GLN A 66 -6.27 -6.09 20.16
C GLN A 66 -7.40 -5.17 19.75
N SER A 67 -7.31 -4.62 18.54
CA SER A 67 -8.33 -3.69 18.05
C SER A 67 -9.76 -4.24 18.20
N GLY A 68 -9.91 -5.51 17.87
CA GLY A 68 -11.21 -6.15 17.97
C GLY A 68 -12.29 -5.45 17.17
N PHE A 69 -13.45 -5.32 17.80
CA PHE A 69 -14.63 -4.70 17.22
C PHE A 69 -14.34 -3.29 16.72
N PHE A 70 -13.66 -2.50 17.55
CA PHE A 70 -13.38 -1.10 17.21
C PHE A 70 -12.30 -0.43 18.03
N ALA A 71 -11.44 0.33 17.35
CA ALA A 71 -10.37 1.08 17.99
C ALA A 71 -10.11 2.24 17.06
N MET A 72 -9.42 3.28 17.54
CA MET A 72 -9.12 4.47 16.76
C MET A 72 -7.72 4.96 17.06
N SER A 73 -7.02 5.44 16.03
CA SER A 73 -5.67 5.97 16.19
C SER A 73 -5.38 6.91 15.02
N GLN A 74 -5.17 8.20 15.33
CA GLN A 74 -4.91 9.22 14.31
C GLN A 74 -5.96 9.26 13.22
N GLY A 75 -7.23 9.08 13.61
CA GLY A 75 -8.28 9.13 12.61
C GLY A 75 -8.52 7.86 11.85
N PHE A 76 -7.67 6.86 12.05
CA PHE A 76 -7.85 5.59 11.34
C PHE A 76 -8.72 4.68 12.19
N GLN A 77 -9.87 4.27 11.66
CA GLN A 77 -10.76 3.34 12.36
C GLN A 77 -10.12 1.95 12.21
N LEU A 78 -9.92 1.25 13.33
CA LEU A 78 -9.28 -0.05 13.33
C LEU A 78 -10.22 -1.17 13.74
N ASN A 79 -10.03 -2.34 13.16
CA ASN A 79 -10.82 -3.48 13.59
C ASN A 79 -10.13 -4.79 13.23
N ASN A 80 -10.21 -5.75 14.13
CA ASN A 80 -9.64 -7.08 13.94
C ASN A 80 -10.79 -7.96 14.40
N HIS A 81 -11.98 -7.65 13.88
CA HIS A 81 -13.21 -8.33 14.27
C HIS A 81 -13.45 -9.71 13.71
N GLY A 82 -12.70 -10.11 12.69
CA GLY A 82 -12.92 -11.45 12.17
C GLY A 82 -13.02 -11.59 10.67
N TYR A 83 -14.06 -12.29 10.21
CA TYR A 83 -14.27 -12.60 8.79
C TYR A 83 -12.99 -12.94 8.06
N ASP A 84 -12.09 -11.98 7.87
CA ASP A 84 -10.82 -12.29 7.23
C ASP A 84 -9.71 -12.35 8.29
N VAL A 85 -8.49 -12.65 7.86
CA VAL A 85 -7.37 -12.78 8.77
C VAL A 85 -6.57 -11.49 8.98
N PHE A 86 -7.15 -10.35 8.63
CA PHE A 86 -6.41 -9.10 8.75
C PHE A 86 -6.96 -8.11 9.76
N ILE A 87 -6.09 -7.19 10.15
CA ILE A 87 -6.47 -6.10 11.02
C ILE A 87 -6.59 -4.96 10.00
N HIS A 88 -7.73 -4.29 10.02
CA HIS A 88 -7.98 -3.22 9.05
C HIS A 88 -7.86 -1.84 9.65
N ALA A 89 -7.37 -0.91 8.83
CA ALA A 89 -7.21 0.47 9.23
C ALA A 89 -7.79 1.37 8.15
N ARG A 90 -8.70 2.26 8.54
CA ARG A 90 -9.30 3.15 7.54
C ARG A 90 -9.62 4.54 8.07
N ARG A 91 -9.04 5.54 7.43
CA ARG A 91 -9.27 6.92 7.81
C ARG A 91 -10.37 7.46 6.87
N GLU A 92 -11.25 8.32 7.36
CA GLU A 92 -12.30 8.85 6.51
C GLU A 92 -11.79 9.49 5.23
N SER A 93 -12.46 9.20 4.13
CA SER A 93 -12.10 9.75 2.83
C SER A 93 -12.57 11.19 2.66
N PRO A 94 -11.75 12.03 2.02
CA PRO A 94 -12.10 13.44 1.79
C PRO A 94 -13.25 13.48 0.77
N GLN A 95 -14.08 14.51 0.84
CA GLN A 95 -15.17 14.64 -0.12
C GLN A 95 -14.58 14.90 -1.51
N SER A 96 -13.39 15.49 -1.52
CA SER A 96 -12.68 15.83 -2.75
C SER A 96 -11.96 14.65 -3.40
N GLN A 97 -11.93 13.51 -2.71
CA GLN A 97 -11.25 12.31 -3.21
C GLN A 97 -12.05 11.53 -4.26
N GLY A 98 -11.35 10.81 -5.15
CA GLY A 98 -11.99 10.02 -6.19
C GLY A 98 -12.30 8.58 -5.79
N LYS A 99 -12.73 7.78 -6.77
CA LYS A 99 -13.07 6.38 -6.53
C LYS A 99 -11.90 5.42 -6.74
N PHE A 100 -11.79 4.41 -5.87
CA PHE A 100 -10.72 3.41 -5.97
C PHE A 100 -10.59 2.90 -7.40
N ALA A 101 -9.37 2.96 -7.93
CA ALA A 101 -9.09 2.55 -9.30
C ALA A 101 -8.25 1.30 -9.41
N GLY A 102 -8.19 0.52 -8.32
CA GLY A 102 -7.48 -0.74 -8.33
C GLY A 102 -6.03 -0.74 -7.88
N ASP A 103 -5.40 0.43 -7.86
CA ASP A 103 -4.00 0.46 -7.46
C ASP A 103 -3.70 0.19 -6.00
N LYS A 104 -2.79 -0.74 -5.74
CA LYS A 104 -2.43 -1.05 -4.37
C LYS A 104 -1.04 -1.65 -4.26
N PHE A 105 -0.47 -1.59 -3.07
CA PHE A 105 0.83 -2.16 -2.82
C PHE A 105 0.76 -3.22 -1.71
N HIS A 106 1.74 -4.13 -1.73
CA HIS A 106 1.90 -5.10 -0.65
C HIS A 106 3.29 -4.84 -0.09
N ILE A 107 3.50 -5.20 1.18
CA ILE A 107 4.81 -5.08 1.78
C ILE A 107 5.10 -6.48 2.26
N SER A 108 6.25 -7.02 1.87
CA SER A 108 6.63 -8.36 2.26
C SER A 108 7.89 -8.35 3.10
N VAL A 109 7.80 -8.90 4.31
CA VAL A 109 8.96 -9.01 5.20
C VAL A 109 9.06 -10.44 5.69
N LEU A 110 10.19 -10.76 6.32
CA LEU A 110 10.37 -12.10 6.88
C LEU A 110 9.21 -12.32 7.83
N ARG A 111 8.53 -13.46 7.69
CA ARG A 111 7.36 -13.78 8.51
C ARG A 111 7.56 -13.46 9.98
N ASP A 112 8.69 -13.95 10.50
CA ASP A 112 9.09 -13.80 11.90
C ASP A 112 9.24 -12.33 12.35
N MET A 113 9.47 -11.43 11.40
CA MET A 113 9.70 -10.02 11.73
C MET A 113 8.54 -9.06 11.50
N VAL A 114 7.33 -9.58 11.32
CA VAL A 114 6.19 -8.72 11.10
C VAL A 114 5.95 -7.75 12.27
N PRO A 115 6.00 -8.24 13.51
CA PRO A 115 5.77 -7.25 14.58
C PRO A 115 6.76 -6.09 14.57
N GLN A 116 8.04 -6.40 14.36
CA GLN A 116 9.06 -5.36 14.33
C GLN A 116 8.87 -4.45 13.11
N ALA A 117 8.50 -5.04 11.98
CA ALA A 117 8.29 -4.26 10.77
C ALA A 117 7.13 -3.32 10.98
N PHE A 118 6.06 -3.83 11.58
CA PHE A 118 4.90 -2.98 11.83
C PHE A 118 5.28 -1.77 12.67
N GLN A 119 5.95 -2.02 13.77
CA GLN A 119 6.35 -0.92 14.66
C GLN A 119 7.19 0.12 13.90
N ALA A 120 8.16 -0.36 13.12
CA ALA A 120 9.03 0.53 12.36
C ALA A 120 8.22 1.41 11.39
N LEU A 121 7.19 0.84 10.78
CA LEU A 121 6.39 1.59 9.84
C LEU A 121 5.19 2.35 10.42
N SER A 122 4.87 2.12 11.69
CA SER A 122 3.70 2.74 12.30
C SER A 122 3.64 4.26 12.23
N GLY A 123 4.76 4.93 12.45
CA GLY A 123 4.77 6.38 12.39
C GLY A 123 4.31 6.90 11.04
N LEU A 124 4.72 6.23 9.98
CA LEU A 124 4.34 6.61 8.61
C LEU A 124 2.90 6.17 8.29
N LEU A 125 2.57 4.93 8.63
CA LEU A 125 1.23 4.39 8.32
C LEU A 125 0.10 5.15 9.00
N PHE A 126 0.36 5.68 10.20
CA PHE A 126 -0.63 6.46 10.92
C PHE A 126 -0.45 7.97 10.76
N SER A 127 0.53 8.37 9.95
CA SER A 127 0.80 9.79 9.74
C SER A 127 -0.36 10.60 9.17
N GLU A 128 -0.60 11.76 9.78
CA GLU A 128 -1.63 12.68 9.36
C GLU A 128 -1.29 13.16 7.92
N ASP A 129 -0.03 12.98 7.52
CA ASP A 129 0.41 13.39 6.16
C ASP A 129 0.43 12.24 5.17
N SER A 130 0.10 11.04 5.61
CA SER A 130 0.13 9.91 4.70
C SER A 130 -0.92 10.00 3.59
N PRO A 131 -0.57 9.58 2.37
CA PRO A 131 -1.50 9.61 1.23
C PRO A 131 -2.39 8.36 1.22
N VAL A 132 -2.08 7.41 2.11
CA VAL A 132 -2.83 6.16 2.18
C VAL A 132 -3.88 6.17 3.29
N ASP A 133 -5.14 6.23 2.89
CA ASP A 133 -6.25 6.26 3.85
C ASP A 133 -6.68 4.89 4.31
N LYS A 134 -6.31 3.86 3.55
CA LYS A 134 -6.75 2.52 3.90
C LYS A 134 -5.66 1.50 3.72
N TRP A 135 -5.45 0.70 4.75
CA TRP A 135 -4.46 -0.35 4.67
C TRP A 135 -4.82 -1.49 5.60
N ALA A 136 -4.12 -2.61 5.49
CA ALA A 136 -4.42 -3.75 6.35
C ALA A 136 -3.17 -4.57 6.56
N VAL A 137 -3.09 -5.22 7.72
CA VAL A 137 -1.94 -6.04 8.03
C VAL A 137 -2.44 -7.40 8.50
N THR A 138 -1.74 -8.46 8.11
CA THR A 138 -2.11 -9.81 8.51
C THR A 138 -2.02 -9.97 10.03
N ASP A 139 -2.99 -10.65 10.60
CA ASP A 139 -2.95 -10.99 12.03
C ASP A 139 -2.25 -12.35 11.98
N MET A 140 -0.96 -12.38 12.30
CA MET A 140 -0.18 -13.60 12.20
C MET A 140 -0.68 -14.75 13.03
N GLU A 141 -1.57 -14.46 13.98
CA GLU A 141 -2.15 -15.52 14.82
C GLU A 141 -3.44 -16.10 14.25
N LYS A 142 -3.90 -15.56 13.12
CA LYS A 142 -5.09 -16.05 12.45
C LYS A 142 -4.76 -16.83 11.17
N VAL A 143 -3.50 -16.82 10.76
CA VAL A 143 -3.13 -17.56 9.55
C VAL A 143 -2.06 -18.58 9.81
N VAL A 144 -2.05 -19.62 8.98
CA VAL A 144 -1.05 -20.66 9.07
C VAL A 144 0.25 -20.00 8.60
N GLN A 145 1.39 -20.44 9.17
CA GLN A 145 2.67 -19.85 8.82
C GLN A 145 3.06 -19.87 7.36
N GLN A 146 2.76 -20.95 6.65
CA GLN A 146 3.12 -21.06 5.24
C GLN A 146 2.16 -20.34 4.26
N ALA A 147 1.20 -19.59 4.79
CA ALA A 147 0.21 -18.89 3.96
C ALA A 147 0.84 -17.77 3.10
N ARG A 148 0.22 -17.50 1.96
CA ARG A 148 0.67 -16.44 1.06
C ARG A 148 0.80 -15.09 1.79
N VAL A 149 -0.18 -14.73 2.64
CA VAL A 149 -0.12 -13.47 3.36
C VAL A 149 0.62 -13.60 4.70
N SER A 150 1.30 -14.73 4.89
CA SER A 150 2.11 -14.97 6.08
C SER A 150 3.60 -14.91 5.72
N LEU A 151 3.95 -15.58 4.63
CA LEU A 151 5.35 -15.60 4.17
C LEU A 151 5.75 -14.26 3.56
N GLY A 152 4.76 -13.51 3.13
CA GLY A 152 5.02 -12.20 2.56
C GLY A 152 3.68 -11.49 2.49
N ALA A 153 3.65 -10.36 1.76
CA ALA A 153 2.42 -9.59 1.58
C ALA A 153 1.61 -9.47 2.87
N GLN A 154 2.30 -9.21 3.96
CA GLN A 154 1.61 -9.08 5.25
C GLN A 154 0.94 -7.70 5.41
N PHE A 155 1.24 -6.77 4.50
CA PHE A 155 0.61 -5.45 4.54
C PHE A 155 0.06 -5.18 3.15
N THR A 156 -1.10 -4.54 3.10
CA THR A 156 -1.67 -4.12 1.83
C THR A 156 -2.01 -2.64 2.01
N LEU A 157 -1.56 -1.80 1.07
CA LEU A 157 -1.83 -0.35 1.09
C LEU A 157 -2.69 0.00 -0.12
N TYR A 158 -3.89 0.54 0.12
CA TYR A 158 -4.76 0.88 -0.98
C TYR A 158 -4.62 2.33 -1.36
N ILE A 159 -4.52 2.55 -2.67
CA ILE A 159 -4.40 3.91 -3.18
C ILE A 159 -5.64 4.29 -3.99
N LYS A 160 -6.08 5.53 -3.89
CA LYS A 160 -7.16 5.94 -4.77
C LYS A 160 -6.87 7.33 -5.30
N PRO A 161 -7.40 7.64 -6.49
CA PRO A 161 -7.19 8.94 -7.12
C PRO A 161 -7.71 10.03 -6.17
N ASP A 162 -6.90 11.08 -6.04
CA ASP A 162 -7.17 12.16 -5.12
C ASP A 162 -8.12 13.24 -5.59
N GLN A 163 -8.30 13.38 -6.89
CA GLN A 163 -9.18 14.41 -7.42
C GLN A 163 -10.61 13.93 -7.56
N GLU A 164 -11.55 14.86 -7.39
CA GLU A 164 -12.97 14.56 -7.49
C GLU A 164 -13.39 13.76 -8.74
N ASN A 165 -12.80 14.08 -9.87
CA ASN A 165 -13.12 13.39 -11.12
C ASN A 165 -12.42 12.04 -11.27
N SER A 166 -11.87 11.55 -10.15
CA SER A 166 -11.15 10.27 -10.09
C SER A 166 -9.87 10.22 -10.88
N GLN A 167 -9.23 11.37 -11.06
CA GLN A 167 -7.94 11.40 -11.73
C GLN A 167 -6.88 11.60 -10.66
N TYR A 168 -5.67 11.12 -10.92
CA TYR A 168 -4.54 11.31 -10.01
C TYR A 168 -3.89 12.64 -10.34
N SER A 169 -3.51 13.40 -9.31
CA SER A 169 -2.80 14.66 -9.52
C SER A 169 -1.30 14.35 -9.47
N ALA A 170 -0.49 15.18 -10.10
CA ALA A 170 0.95 14.97 -10.06
C ALA A 170 1.43 15.07 -8.59
N SER A 171 0.85 16.02 -7.87
CA SER A 171 1.21 16.23 -6.47
C SER A 171 1.03 14.95 -5.65
N PHE A 172 -0.13 14.33 -5.82
CA PHE A 172 -0.45 13.11 -5.09
C PHE A 172 0.43 11.93 -5.51
N LEU A 173 0.71 11.80 -6.80
CA LEU A 173 1.54 10.69 -7.25
C LEU A 173 2.95 10.81 -6.68
N HIS A 174 3.47 12.03 -6.67
CA HIS A 174 4.80 12.28 -6.12
C HIS A 174 4.78 11.93 -4.61
N LYS A 175 3.72 12.38 -3.93
CA LYS A 175 3.60 12.12 -2.50
C LYS A 175 3.54 10.62 -2.20
N THR A 176 2.76 9.91 -3.01
CA THR A 176 2.62 8.46 -2.84
C THR A 176 3.93 7.75 -3.09
N ARG A 177 4.61 8.12 -4.17
CA ARG A 177 5.89 7.50 -4.47
C ARG A 177 6.89 7.80 -3.33
N GLN A 178 6.93 9.04 -2.88
CA GLN A 178 7.81 9.42 -1.78
C GLN A 178 7.51 8.57 -0.55
N PHE A 179 6.23 8.39 -0.27
CA PHE A 179 5.76 7.62 0.89
C PHE A 179 6.23 6.16 0.82
N ILE A 180 6.02 5.52 -0.33
CA ILE A 180 6.43 4.11 -0.49
C ILE A 180 7.94 3.98 -0.38
N GLU A 181 8.65 4.97 -0.91
CA GLU A 181 10.10 4.93 -0.81
C GLU A 181 10.57 5.15 0.64
N CYS A 182 9.80 5.89 1.44
CA CYS A 182 10.10 6.09 2.85
C CYS A 182 9.88 4.76 3.57
N LEU A 183 8.82 4.02 3.19
CA LEU A 183 8.57 2.71 3.80
C LEU A 183 9.75 1.78 3.54
N GLU A 184 10.22 1.76 2.29
CA GLU A 184 11.36 0.96 1.87
C GLU A 184 12.60 1.29 2.69
N SER A 185 12.95 2.56 2.76
CA SER A 185 14.15 2.94 3.51
C SER A 185 14.06 2.67 5.01
N ARG A 186 12.87 2.86 5.58
CA ARG A 186 12.70 2.62 7.01
C ARG A 186 12.95 1.14 7.33
N LEU A 187 12.39 0.25 6.49
CA LEU A 187 12.58 -1.18 6.72
C LEU A 187 14.04 -1.55 6.52
N SER A 188 14.67 -1.00 5.49
CA SER A 188 16.09 -1.33 5.23
C SER A 188 16.98 -0.81 6.35
N GLU A 189 16.71 0.41 6.81
CA GLU A 189 17.47 1.03 7.88
C GLU A 189 17.34 0.23 9.17
N ASN A 190 16.25 -0.50 9.31
CA ASN A 190 16.00 -1.33 10.47
C ASN A 190 16.57 -2.74 10.21
N GLY A 191 17.11 -2.94 9.03
CA GLY A 191 17.69 -4.22 8.66
C GLY A 191 16.69 -5.36 8.60
N VAL A 192 15.43 -5.03 8.35
CA VAL A 192 14.40 -6.05 8.28
C VAL A 192 14.71 -7.00 7.12
N ILE A 193 14.59 -8.31 7.36
CA ILE A 193 14.86 -9.27 6.29
C ILE A 193 13.64 -9.31 5.38
N SER A 194 13.88 -9.41 4.08
CA SER A 194 12.79 -9.44 3.10
C SER A 194 11.96 -10.73 3.20
N GLY A 195 10.73 -10.64 2.72
CA GLY A 195 9.85 -11.80 2.74
C GLY A 195 9.68 -12.39 1.36
N GLN A 196 8.63 -13.20 1.18
CA GLN A 196 8.38 -13.82 -0.12
C GLN A 196 7.30 -13.02 -0.83
N CYS A 197 7.71 -12.28 -1.87
CA CYS A 197 6.77 -11.46 -2.61
C CYS A 197 5.75 -12.35 -3.30
N PRO A 198 4.45 -11.97 -3.28
CA PRO A 198 3.45 -12.81 -3.93
C PRO A 198 3.66 -12.91 -5.46
N GLU A 199 3.30 -14.07 -6.01
CA GLU A 199 3.46 -14.31 -7.45
C GLU A 199 2.61 -13.33 -8.26
N SER A 200 1.56 -12.80 -7.62
CA SER A 200 0.64 -11.87 -8.27
C SER A 200 1.21 -10.50 -8.59
N ASP A 201 2.21 -10.10 -7.81
CA ASP A 201 2.79 -8.77 -7.92
C ASP A 201 4.06 -8.61 -8.73
N VAL A 202 4.36 -7.34 -9.02
CA VAL A 202 5.58 -6.98 -9.71
C VAL A 202 6.30 -5.93 -8.87
N HIS A 203 7.62 -5.86 -9.01
CA HIS A 203 8.40 -4.86 -8.32
C HIS A 203 9.75 -4.74 -8.99
N PRO A 204 10.33 -3.54 -8.96
CA PRO A 204 11.65 -3.32 -9.56
C PRO A 204 12.72 -3.87 -8.62
N GLU A 205 13.95 -3.94 -9.10
CA GLU A 205 15.02 -4.49 -8.27
C GLU A 205 15.34 -3.64 -7.03
N ASN A 206 15.07 -2.34 -7.09
CA ASN A 206 15.36 -1.48 -5.94
C ASN A 206 14.30 -1.48 -4.85
N TRP A 207 13.21 -2.23 -5.06
CA TRP A 207 12.19 -2.37 -4.01
C TRP A 207 12.46 -3.72 -3.38
N LYS A 208 12.92 -3.74 -2.12
CA LYS A 208 13.23 -4.99 -1.47
C LYS A 208 12.05 -5.57 -0.72
N TYR A 209 11.05 -4.73 -0.44
CA TYR A 209 9.88 -5.16 0.32
C TYR A 209 8.57 -4.87 -0.39
N LEU A 210 8.50 -3.73 -1.07
CA LEU A 210 7.27 -3.35 -1.73
C LEU A 210 7.02 -4.06 -3.05
N SER A 211 5.75 -4.28 -3.39
CA SER A 211 5.36 -4.88 -4.65
C SER A 211 3.99 -4.29 -5.03
N TYR A 212 3.63 -4.40 -6.30
CA TYR A 212 2.40 -3.79 -6.79
C TYR A 212 1.53 -4.66 -7.68
N ARG A 213 0.24 -4.37 -7.65
CA ARG A 213 -0.69 -5.01 -8.54
C ARG A 213 -1.93 -4.14 -8.59
N ASN A 214 -2.67 -4.21 -9.70
CA ASN A 214 -3.92 -3.45 -9.81
C ASN A 214 -5.02 -4.51 -9.76
N GLU A 215 -5.91 -4.43 -8.77
CA GLU A 215 -6.91 -5.48 -8.67
C GLU A 215 -8.05 -5.45 -9.66
N LEU A 216 -8.10 -4.41 -10.48
CA LEU A 216 -9.13 -4.32 -11.51
C LEU A 216 -8.66 -5.04 -12.77
N ARG A 217 -7.35 -5.13 -12.95
CA ARG A 217 -6.78 -5.77 -14.14
C ARG A 217 -5.78 -6.88 -13.85
N SER A 218 -5.92 -7.55 -12.71
CA SER A 218 -5.03 -8.64 -12.36
C SER A 218 -5.67 -9.46 -11.25
N GLY A 219 -5.24 -10.71 -11.11
CA GLY A 219 -5.79 -11.55 -10.05
C GLY A 219 -4.69 -11.94 -9.08
N ARG A 220 -4.99 -12.87 -8.16
CA ARG A 220 -4.00 -13.31 -7.18
C ARG A 220 -3.04 -14.36 -7.71
N ASP A 221 -3.41 -15.01 -8.81
CA ASP A 221 -2.53 -16.02 -9.38
C ASP A 221 -1.39 -15.34 -10.13
N GLY A 222 -0.17 -15.85 -9.95
CA GLY A 222 0.97 -15.28 -10.62
C GLY A 222 0.97 -15.43 -12.13
N GLY A 223 2.14 -15.72 -12.68
CA GLY A 223 2.27 -15.90 -14.11
C GLY A 223 3.00 -14.72 -14.72
N GLU A 224 4.02 -15.00 -15.51
CA GLU A 224 4.80 -13.96 -16.16
C GLU A 224 3.90 -13.09 -17.04
N MET A 225 2.82 -13.69 -17.54
CA MET A 225 1.88 -12.97 -18.40
C MET A 225 1.20 -11.82 -17.64
N GLN A 226 0.75 -12.09 -16.42
CA GLN A 226 0.10 -11.05 -15.63
C GLN A 226 1.15 -10.03 -15.14
N ARG A 227 2.31 -10.52 -14.74
CA ARG A 227 3.38 -9.65 -14.26
C ARG A 227 3.79 -8.72 -15.41
N GLN A 228 3.74 -9.26 -16.61
CA GLN A 228 4.11 -8.54 -17.81
C GLN A 228 3.14 -7.39 -18.08
N ALA A 229 1.86 -7.68 -17.88
CA ALA A 229 0.82 -6.69 -18.09
C ALA A 229 0.94 -5.61 -17.02
N LEU A 230 1.19 -6.05 -15.79
CA LEU A 230 1.32 -5.14 -14.66
C LEU A 230 2.51 -4.21 -14.85
N ARG A 231 3.59 -4.73 -15.43
CA ARG A 231 4.77 -3.92 -15.64
C ARG A 231 4.52 -2.76 -16.58
N GLU A 232 3.46 -2.86 -17.37
CA GLU A 232 3.11 -1.82 -18.36
C GLU A 232 2.08 -0.83 -17.82
N GLU A 233 1.54 -1.11 -16.63
CA GLU A 233 0.56 -0.22 -16.01
C GLU A 233 1.15 1.19 -15.85
N PRO A 234 0.48 2.22 -16.40
CA PRO A 234 1.06 3.55 -16.24
C PRO A 234 1.32 3.96 -14.80
N PHE A 235 0.41 3.59 -13.90
CA PHE A 235 0.60 3.93 -12.48
C PHE A 235 1.89 3.31 -11.93
N TYR A 236 2.13 2.04 -12.25
CA TYR A 236 3.34 1.38 -11.77
C TYR A 236 4.61 2.04 -12.34
N ARG A 237 4.58 2.35 -13.62
CA ARG A 237 5.73 2.98 -14.24
C ARG A 237 5.99 4.36 -13.65
N LEU A 238 4.94 5.11 -13.34
CA LEU A 238 5.13 6.43 -12.73
C LEU A 238 5.69 6.28 -11.30
N MET A 239 5.43 5.14 -10.68
CA MET A 239 5.93 4.88 -9.33
C MET A 239 7.37 4.40 -9.34
N THR A 240 7.87 3.98 -10.50
CA THR A 240 9.20 3.39 -10.54
C THR A 240 10.26 3.97 -11.46
N GLU A 241 9.84 4.68 -12.51
CA GLU A 241 10.82 5.20 -13.47
C GLU A 241 11.13 6.69 -13.36
N GLY B 1 -10.91 -16.03 2.99
CA GLY B 1 -10.57 -15.41 4.30
C GLY B 1 -9.21 -14.76 4.28
N GLU B 2 -8.39 -15.12 3.28
CA GLU B 2 -7.03 -14.57 3.10
C GLU B 2 -6.87 -13.62 1.90
N ALA B 3 -8.00 -13.02 1.49
CA ALA B 3 -8.04 -12.13 0.34
C ALA B 3 -7.73 -10.67 0.63
N TPO B 4 -6.71 -10.14 -0.03
CA TPO B 4 -6.27 -8.76 0.17
CB TPO B 4 -4.77 -8.55 -0.28
CG2 TPO B 4 -3.93 -9.65 0.42
OG1 TPO B 4 -4.63 -8.71 -1.71
P TPO B 4 -4.65 -9.44 -2.70
O1P TPO B 4 -5.96 -8.92 -3.15
O2P TPO B 4 -3.69 -9.41 -3.84
O3P TPO B 4 -4.82 -10.84 -2.23
C TPO B 4 -7.14 -7.75 -0.55
O TPO B 4 -6.73 -6.62 -0.72
N VAL B 5 -8.38 -8.11 -0.91
CA VAL B 5 -9.23 -7.15 -1.62
C VAL B 5 -9.68 -5.93 -0.83
N PTR B 6 -9.79 -4.86 -1.58
CA PTR B 6 -10.21 -3.51 -1.14
C PTR B 6 -11.60 -3.42 -0.49
O PTR B 6 -11.85 -2.45 0.23
CB PTR B 6 -10.17 -2.53 -2.32
CG PTR B 6 -10.64 -1.13 -2.00
CD1 PTR B 6 -9.76 -0.17 -1.52
CD2 PTR B 6 -11.98 -0.76 -2.18
CE1 PTR B 6 -10.19 1.14 -1.24
CE2 PTR B 6 -12.41 0.53 -1.91
CZ PTR B 6 -11.52 1.48 -1.44
OH PTR B 6 -11.93 2.77 -1.19
P PTR B 6 -12.98 3.09 -0.26
O1P PTR B 6 -12.66 4.37 0.40
O2P PTR B 6 -14.22 3.23 -1.06
O3P PTR B 6 -13.17 2.03 0.77
N ALA B 7 -12.47 -4.40 -0.68
CA ALA B 7 -13.84 -4.42 -0.11
C ALA B 7 -14.34 -5.60 0.74
#